data_3UYQ
#
_entry.id   3UYQ
#
_cell.length_a   41.77
_cell.length_b   50.78
_cell.length_c   117.90
_cell.angle_alpha   90
_cell.angle_beta   90
_cell.angle_gamma   90
#
_symmetry.space_group_name_H-M   'P 21 21 21'
#
loop_
_entity.id
_entity.type
_entity.pdbx_description
1 polymer 'Carbonic anhydrase 3'
2 non-polymer 'ZINC ION'
3 water water
#
_entity_poly.entity_id   1
_entity_poly.type   'polypeptide(L)'
_entity_poly.pdbx_seq_one_letter_code
;MAKEWGYASHNGPDHWHELFPNAKGENQSPIELHTKDIRHDPSLQPWSVSYDGGSAKTILNNGHTCRVVFDDTYDRSMLR
GGPLPGPYRLRQFHLHWGSSDDHGSEHTVDGVKYAAELHLVHWNPKYNTFKEALKQRDGIAVIGIFLKIGHENGEFQIFL
DALDKIKTKGKEAPFTKFDPSSLFPASRDYWTYQGSFTTPPCEECIVWLLLKEPMTVSSDQMAKLRSLLSSAENEPPVPL
VSNWRPPQPINNRVVRASFK
;
_entity_poly.pdbx_strand_id   A
#
loop_
_chem_comp.id
_chem_comp.type
_chem_comp.name
_chem_comp.formula
ZN non-polymer 'ZINC ION' 'Zn 2'
#
# COMPACT_ATOMS: atom_id res chain seq x y z
N ALA A 2 -12.00 4.66 19.42
CA ALA A 2 -12.41 5.08 18.10
C ALA A 2 -12.10 4.01 17.08
N LYS A 3 -11.64 4.35 15.90
CA LYS A 3 -10.90 3.31 15.18
C LYS A 3 -9.80 2.79 16.08
N GLU A 4 -10.01 2.25 17.28
CA GLU A 4 -8.79 1.76 17.92
C GLU A 4 -8.29 0.34 17.55
N TRP A 5 -7.09 0.27 16.98
CA TRP A 5 -6.51 -0.95 16.45
C TRP A 5 -5.00 -0.89 16.34
N GLY A 6 -4.37 -2.04 16.12
CA GLY A 6 -2.93 -2.06 15.97
C GLY A 6 -2.44 -3.41 15.50
N TYR A 7 -1.15 -3.68 15.70
CA TYR A 7 -0.57 -4.95 15.29
C TYR A 7 0.03 -5.71 16.47
N ALA A 8 -0.21 -5.20 17.67
CA ALA A 8 0.13 -5.92 18.89
C ALA A 8 -0.85 -7.08 19.13
N SER A 9 -0.46 -8.00 20.03
CA SER A 9 -1.22 -9.22 20.24
C SER A 9 -2.60 -8.91 20.82
N HIS A 10 -2.69 -7.75 21.42
CA HIS A 10 -3.91 -7.31 22.07
C HIS A 10 -4.85 -6.62 21.19
N ASN A 11 -4.34 -5.71 20.40
CA ASN A 11 -5.20 -4.93 19.51
C ASN A 11 -5.06 -5.36 18.06
N GLY A 12 -4.44 -6.51 17.87
CA GLY A 12 -4.00 -6.88 16.54
C GLY A 12 -4.99 -7.59 15.64
N PRO A 13 -4.47 -8.02 14.50
CA PRO A 13 -5.30 -8.43 13.35
C PRO A 13 -6.38 -9.47 13.63
N ASP A 14 -6.12 -10.35 14.58
CA ASP A 14 -7.03 -11.38 14.95
C ASP A 14 -8.25 -10.84 15.65
N HIS A 15 -8.14 -9.62 16.15
CA HIS A 15 -9.18 -8.99 16.90
C HIS A 15 -9.93 -7.84 16.14
N TRP A 16 -9.43 -7.49 14.96
CA TRP A 16 -9.97 -6.36 14.25
C TRP A 16 -11.46 -6.54 13.92
N HIS A 17 -11.89 -7.76 13.63
CA HIS A 17 -13.27 -8.02 13.26
C HIS A 17 -14.30 -7.68 14.37
N GLU A 18 -13.84 -7.60 15.58
CA GLU A 18 -14.71 -7.30 16.71
C GLU A 18 -15.35 -5.93 16.47
N LEU A 19 -14.51 -4.93 16.21
CA LEU A 19 -15.03 -3.59 15.99
C LEU A 19 -15.22 -3.24 14.53
N PHE A 20 -14.54 -3.98 13.67
CA PHE A 20 -14.56 -3.72 12.25
C PHE A 20 -14.95 -4.99 11.50
N PRO A 21 -16.23 -5.26 11.45
CA PRO A 21 -16.73 -6.57 11.03
C PRO A 21 -16.32 -6.98 9.61
N ASN A 22 -15.99 -6.01 8.77
CA ASN A 22 -15.52 -6.31 7.42
C ASN A 22 -14.26 -7.18 7.43
N ALA A 23 -13.47 -7.06 8.49
CA ALA A 23 -12.19 -7.76 8.57
C ALA A 23 -12.35 -9.26 8.35
N LYS A 24 -13.55 -9.76 8.65
CA LYS A 24 -13.81 -11.20 8.58
C LYS A 24 -14.49 -11.57 7.26
N GLY A 25 -14.44 -10.67 6.29
CA GLY A 25 -15.11 -10.86 5.03
C GLY A 25 -14.49 -11.96 4.20
N GLU A 26 -15.12 -12.29 3.08
CA GLU A 26 -14.62 -13.33 2.19
C GLU A 26 -13.66 -12.87 1.09
N ASN A 27 -13.45 -11.56 0.98
CA ASN A 27 -12.56 -11.03 -0.04
C ASN A 27 -11.51 -10.11 0.57
N GLN A 28 -10.82 -10.62 1.58
CA GLN A 28 -9.82 -9.84 2.29
C GLN A 28 -8.41 -9.93 1.70
N SER A 29 -7.58 -8.95 2.04
CA SER A 29 -6.20 -8.87 1.60
C SER A 29 -5.34 -8.66 2.84
N PRO A 30 -4.04 -9.02 2.78
CA PRO A 30 -3.38 -9.62 1.61
C PRO A 30 -3.67 -11.10 1.51
N ILE A 31 -3.12 -11.69 0.46
CA ILE A 31 -3.19 -13.11 0.21
C ILE A 31 -1.78 -13.65 -0.10
N GLU A 32 -1.61 -14.96 0.05
CA GLU A 32 -0.45 -15.61 -0.53
C GLU A 32 -0.65 -15.89 -1.98
N LEU A 33 0.26 -15.43 -2.79
CA LEU A 33 0.29 -15.81 -4.16
C LEU A 33 1.06 -17.13 -4.38
N HIS A 34 0.48 -17.99 -5.18
CA HIS A 34 1.17 -19.17 -5.61
C HIS A 34 1.12 -19.34 -7.11
N THR A 35 2.29 -19.38 -7.74
CA THR A 35 2.38 -19.40 -9.19
C THR A 35 1.72 -20.66 -9.82
N LYS A 36 1.72 -21.76 -9.09
CA LYS A 36 1.00 -22.96 -9.53
C LYS A 36 -0.47 -22.70 -9.76
N ASP A 37 -0.96 -21.63 -9.15
CA ASP A 37 -2.37 -21.32 -9.12
C ASP A 37 -2.66 -20.06 -9.94
N ILE A 38 -1.67 -19.62 -10.71
CA ILE A 38 -1.77 -18.39 -11.49
C ILE A 38 -1.41 -18.66 -12.93
N ARG A 39 -2.19 -18.10 -13.85
CA ARG A 39 -1.83 -18.10 -15.25
C ARG A 39 -1.78 -16.70 -15.83
N HIS A 40 -0.99 -16.60 -16.88
CA HIS A 40 -1.04 -15.52 -17.78
C HIS A 40 -2.36 -15.31 -18.49
N ASP A 41 -2.92 -14.13 -18.32
CA ASP A 41 -4.14 -13.82 -19.00
C ASP A 41 -3.84 -12.85 -20.15
N PRO A 42 -3.74 -13.37 -21.36
CA PRO A 42 -3.40 -12.54 -22.52
C PRO A 42 -4.28 -11.31 -22.74
N SER A 43 -5.45 -11.27 -22.09
CA SER A 43 -6.35 -10.13 -22.25
C SER A 43 -5.95 -8.94 -21.37
N LEU A 44 -5.17 -9.19 -20.33
CA LEU A 44 -4.75 -8.09 -19.44
C LEU A 44 -3.88 -7.09 -20.18
N GLN A 45 -4.28 -5.84 -20.11
CA GLN A 45 -3.57 -4.73 -20.78
C GLN A 45 -2.52 -4.10 -19.88
N PRO A 46 -1.58 -3.42 -20.47
CA PRO A 46 -0.70 -2.57 -19.68
C PRO A 46 -1.42 -1.40 -18.97
N TRP A 47 -0.75 -0.89 -17.96
CA TRP A 47 -1.20 0.23 -17.20
C TRP A 47 -0.21 1.36 -17.37
N SER A 48 -0.71 2.56 -17.11
CA SER A 48 0.09 3.76 -17.18
C SER A 48 -0.41 4.79 -16.17
N VAL A 49 0.50 5.65 -15.79
CA VAL A 49 0.19 6.75 -14.92
C VAL A 49 0.65 8.08 -15.47
N SER A 50 -0.16 9.06 -15.15
CA SER A 50 0.15 10.43 -15.40
C SER A 50 -0.02 11.26 -14.14
N TYR A 51 1.02 11.19 -13.33
CA TYR A 51 1.05 11.88 -12.05
C TYR A 51 1.66 13.26 -12.18
N ASP A 52 1.13 14.19 -11.41
CA ASP A 52 1.62 15.56 -11.36
C ASP A 52 2.35 15.69 -10.03
N GLY A 53 3.67 15.84 -10.07
CA GLY A 53 4.42 15.97 -8.84
C GLY A 53 3.90 17.10 -7.97
N GLY A 54 3.32 18.11 -8.61
CA GLY A 54 2.78 19.24 -7.89
C GLY A 54 1.49 18.96 -7.13
N SER A 55 0.97 17.75 -7.29
CA SER A 55 -0.26 17.39 -6.60
C SER A 55 0.04 16.87 -5.20
N ALA A 56 1.30 16.63 -4.92
CA ALA A 56 1.68 16.25 -3.59
C ALA A 56 1.36 17.33 -2.59
N LYS A 57 0.81 16.96 -1.45
CA LYS A 57 0.46 17.94 -0.41
C LYS A 57 1.15 17.82 0.95
N THR A 58 0.96 16.66 1.57
CA THR A 58 1.45 16.47 2.90
C THR A 58 1.99 15.05 3.15
N ILE A 59 2.73 14.94 4.23
CA ILE A 59 3.24 13.66 4.68
C ILE A 59 2.83 13.60 6.14
N LEU A 60 2.35 12.45 6.59
CA LEU A 60 1.90 12.33 7.97
C LEU A 60 2.14 10.97 8.61
N ASN A 61 2.13 10.97 9.94
CA ASN A 61 2.33 9.77 10.75
C ASN A 61 1.03 9.67 11.54
N ASN A 62 0.19 8.68 11.22
CA ASN A 62 -1.07 8.49 11.93
C ASN A 62 -1.04 7.39 12.99
N GLY A 63 0.14 6.95 13.35
CA GLY A 63 0.28 5.97 14.39
C GLY A 63 0.28 4.56 13.86
N HIS A 64 -0.09 4.34 12.61
CA HIS A 64 0.10 3.00 12.05
C HIS A 64 0.57 3.00 10.61
N THR A 65 1.12 4.13 10.19
CA THR A 65 2.00 4.17 9.03
C THR A 65 2.48 5.58 8.72
N CYS A 66 3.27 5.67 7.66
CA CYS A 66 3.67 6.99 7.18
C CYS A 66 2.97 7.11 5.81
N ARG A 67 2.26 8.20 5.60
CA ARG A 67 1.46 8.37 4.42
C ARG A 67 1.73 9.71 3.73
N VAL A 68 1.81 9.67 2.42
CA VAL A 68 1.80 10.86 1.61
C VAL A 68 0.44 11.06 0.91
N VAL A 69 -0.06 12.28 1.01
CA VAL A 69 -1.39 12.65 0.52
C VAL A 69 -1.37 13.62 -0.71
N PHE A 70 -2.15 13.28 -1.71
CA PHE A 70 -2.20 14.04 -2.93
C PHE A 70 -3.56 14.72 -3.13
N ASP A 71 -3.53 15.76 -3.94
CA ASP A 71 -4.76 16.47 -4.27
C ASP A 71 -5.57 15.63 -5.27
N ASP A 72 -6.68 15.10 -4.79
CA ASP A 72 -7.61 14.30 -5.59
C ASP A 72 -9.02 14.95 -5.67
N THR A 73 -9.07 16.26 -5.59
CA THR A 73 -10.32 16.99 -5.74
C THR A 73 -10.88 17.05 -7.14
N TYR A 74 -10.04 16.69 -8.08
CA TYR A 74 -10.36 16.52 -9.47
C TYR A 74 -9.37 15.56 -10.19
N ASP A 75 -9.58 15.30 -11.45
CA ASP A 75 -8.71 14.35 -12.09
C ASP A 75 -7.34 15.05 -12.32
N ARG A 76 -6.40 14.87 -11.41
CA ARG A 76 -5.06 15.40 -11.58
C ARG A 76 -4.02 14.33 -11.91
N SER A 77 -3.79 13.48 -10.95
CA SER A 77 -2.81 12.44 -11.11
C SER A 77 -3.54 11.11 -11.30
N MET A 78 -3.42 10.57 -12.49
CA MET A 78 -4.28 9.46 -12.89
C MET A 78 -3.53 8.15 -13.16
N LEU A 79 -4.25 7.05 -12.95
CA LEU A 79 -3.78 5.70 -13.23
C LEU A 79 -4.81 5.16 -14.22
N ARG A 80 -4.37 4.60 -15.32
CA ARG A 80 -5.29 4.02 -16.25
C ARG A 80 -4.79 2.71 -16.86
N GLY A 81 -5.71 2.05 -17.52
CA GLY A 81 -5.46 0.77 -18.09
C GLY A 81 -5.48 -0.36 -17.09
N GLY A 82 -4.61 -1.33 -17.34
CA GLY A 82 -4.67 -2.51 -16.56
C GLY A 82 -6.05 -3.15 -16.66
N PRO A 83 -6.51 -3.78 -15.59
CA PRO A 83 -7.86 -4.36 -15.63
C PRO A 83 -8.92 -3.34 -15.23
N LEU A 84 -8.52 -2.08 -15.11
CA LEU A 84 -9.44 -1.03 -14.70
C LEU A 84 -10.42 -0.58 -15.80
N PRO A 85 -11.65 -0.27 -15.40
CA PRO A 85 -12.69 0.18 -16.32
C PRO A 85 -12.55 1.59 -16.81
N GLY A 86 -11.62 2.30 -16.20
CA GLY A 86 -11.38 3.67 -16.54
C GLY A 86 -10.29 4.25 -15.68
N PRO A 87 -10.09 5.55 -15.80
CA PRO A 87 -9.02 6.20 -15.04
C PRO A 87 -9.40 6.40 -13.56
N TYR A 88 -8.38 6.28 -12.72
CA TYR A 88 -8.57 6.39 -11.32
C TYR A 88 -7.62 7.49 -10.78
N ARG A 89 -8.08 8.21 -9.76
CA ARG A 89 -7.32 9.27 -9.12
C ARG A 89 -6.38 8.82 -8.00
N LEU A 90 -5.13 9.23 -8.11
CA LEU A 90 -4.19 9.01 -7.06
C LEU A 90 -4.54 9.86 -5.84
N ARG A 91 -4.65 9.21 -4.71
CA ARG A 91 -5.03 9.92 -3.48
C ARG A 91 -3.92 9.94 -2.44
N GLN A 92 -3.23 8.81 -2.29
CA GLN A 92 -2.16 8.72 -1.30
C GLN A 92 -1.34 7.46 -1.47
N PHE A 93 -0.19 7.43 -0.82
CA PHE A 93 0.62 6.22 -0.80
C PHE A 93 1.15 6.07 0.62
N HIS A 94 1.38 4.83 1.03
CA HIS A 94 1.88 4.53 2.36
C HIS A 94 2.66 3.23 2.28
N LEU A 95 3.28 2.83 3.38
CA LEU A 95 4.07 1.60 3.40
C LEU A 95 3.75 0.66 4.54
N HIS A 96 4.04 -0.61 4.31
CA HIS A 96 4.08 -1.60 5.36
C HIS A 96 5.48 -2.19 5.47
N TRP A 97 5.83 -2.50 6.70
CA TRP A 97 7.15 -2.98 7.04
C TRP A 97 7.13 -3.87 8.28
N GLY A 98 8.24 -4.55 8.47
CA GLY A 98 8.43 -5.48 9.56
C GLY A 98 9.61 -5.12 10.43
N SER A 99 9.95 -5.99 11.39
CA SER A 99 10.95 -5.67 12.39
C SER A 99 12.39 -5.90 11.95
N SER A 100 12.57 -6.67 10.90
CA SER A 100 13.83 -6.92 10.31
C SER A 100 13.72 -7.06 8.78
N ASP A 101 14.83 -7.05 8.08
CA ASP A 101 14.80 -7.09 6.63
C ASP A 101 14.20 -8.33 5.96
N ASP A 102 14.14 -9.44 6.67
CA ASP A 102 13.74 -10.67 6.06
C ASP A 102 12.24 -10.87 5.93
N HIS A 103 11.50 -9.87 6.40
CA HIS A 103 10.05 -9.82 6.21
C HIS A 103 9.53 -8.38 6.36
N GLY A 104 8.22 -8.25 6.21
CA GLY A 104 7.58 -6.96 6.24
C GLY A 104 6.53 -6.71 5.18
N SER A 105 6.65 -7.39 4.05
CA SER A 105 5.59 -7.32 3.10
C SER A 105 4.31 -7.99 3.57
N GLU A 106 3.23 -7.61 2.91
CA GLU A 106 1.92 -8.16 3.20
C GLU A 106 1.61 -9.35 2.27
N HIS A 107 1.67 -9.10 0.98
CA HIS A 107 1.61 -10.18 0.03
C HIS A 107 2.89 -10.99 0.05
N THR A 108 2.77 -12.23 -0.40
CA THR A 108 3.95 -13.07 -0.53
C THR A 108 3.79 -13.79 -1.87
N VAL A 109 4.91 -14.19 -2.47
CA VAL A 109 4.89 -14.90 -3.74
C VAL A 109 5.67 -16.20 -3.57
N ASP A 110 4.97 -17.32 -3.72
CA ASP A 110 5.57 -18.64 -3.55
C ASP A 110 6.33 -18.71 -2.23
N GLY A 111 5.71 -18.18 -1.18
CA GLY A 111 6.32 -18.21 0.14
C GLY A 111 7.29 -17.09 0.45
N VAL A 112 7.80 -16.41 -0.58
CA VAL A 112 8.76 -15.33 -0.37
C VAL A 112 8.15 -14.06 0.20
N LYS A 113 8.80 -13.50 1.21
CA LYS A 113 8.34 -12.27 1.82
C LYS A 113 9.42 -11.25 1.57
N TYR A 114 9.02 -10.00 1.39
CA TYR A 114 9.99 -8.94 1.14
C TYR A 114 10.13 -8.07 2.38
N ALA A 115 11.06 -7.11 2.33
CA ALA A 115 11.30 -6.23 3.46
C ALA A 115 10.17 -5.25 3.72
N ALA A 116 9.39 -4.91 2.70
CA ALA A 116 8.30 -3.93 2.80
C ALA A 116 7.41 -3.97 1.57
N GLU A 117 6.27 -3.30 1.67
CA GLU A 117 5.34 -3.18 0.59
C GLU A 117 4.76 -1.76 0.57
N LEU A 118 4.87 -1.13 -0.59
CA LEU A 118 4.40 0.20 -0.93
C LEU A 118 3.04 0.11 -1.63
N HIS A 119 2.09 0.87 -1.14
CA HIS A 119 0.77 0.85 -1.72
C HIS A 119 0.40 2.26 -2.13
N LEU A 120 0.11 2.39 -3.43
CA LEU A 120 -0.34 3.66 -3.99
C LEU A 120 -1.84 3.49 -4.21
N VAL A 121 -2.62 4.29 -3.52
CA VAL A 121 -4.07 4.14 -3.46
C VAL A 121 -4.74 5.17 -4.38
N HIS A 122 -5.55 4.63 -5.29
CA HIS A 122 -6.34 5.38 -6.23
C HIS A 122 -7.87 5.03 -6.07
N TRP A 123 -8.72 5.92 -6.57
CA TRP A 123 -10.12 5.66 -6.60
C TRP A 123 -10.82 6.16 -7.87
N ASN A 124 -11.95 5.51 -8.15
CA ASN A 124 -12.68 5.77 -9.36
C ASN A 124 -13.69 6.89 -9.20
N PRO A 125 -13.44 7.98 -9.95
CA PRO A 125 -14.29 9.18 -9.91
C PRO A 125 -15.73 8.89 -10.31
N LYS A 126 -15.94 7.72 -10.90
CA LYS A 126 -17.27 7.28 -11.34
C LYS A 126 -18.19 7.20 -10.14
N TYR A 127 -17.59 7.00 -8.97
CA TYR A 127 -18.31 6.81 -7.74
C TYR A 127 -18.39 8.08 -6.89
N ASN A 128 -17.97 9.16 -7.50
CA ASN A 128 -18.14 10.49 -6.96
C ASN A 128 -17.22 10.96 -5.90
N THR A 129 -17.12 10.18 -4.82
CA THR A 129 -16.15 10.46 -3.82
C THR A 129 -15.40 9.15 -3.38
N PHE A 130 -14.29 9.32 -2.72
CA PHE A 130 -13.53 8.20 -2.21
C PHE A 130 -14.40 7.41 -1.23
N LYS A 131 -15.10 8.13 -0.36
CA LYS A 131 -15.98 7.45 0.61
C LYS A 131 -17.04 6.54 -0.03
N GLU A 132 -17.64 7.01 -1.10
CA GLU A 132 -18.64 6.18 -1.78
C GLU A 132 -17.94 5.06 -2.53
N ALA A 133 -16.73 5.34 -3.02
CA ALA A 133 -15.97 4.33 -3.75
C ALA A 133 -15.70 3.13 -2.85
N LEU A 134 -15.63 3.36 -1.54
CA LEU A 134 -15.38 2.28 -0.58
C LEU A 134 -16.48 1.22 -0.62
N LYS A 135 -17.64 1.57 -1.18
CA LYS A 135 -18.76 0.64 -1.26
C LYS A 135 -18.86 -0.11 -2.58
N GLN A 136 -17.83 -0.07 -3.39
CA GLN A 136 -17.79 -0.75 -4.65
C GLN A 136 -16.55 -1.65 -4.70
N ARG A 137 -16.78 -2.84 -5.24
CA ARG A 137 -15.75 -3.84 -5.30
C ARG A 137 -14.54 -3.38 -6.09
N ASP A 138 -14.70 -2.43 -6.99
CA ASP A 138 -13.60 -1.91 -7.78
C ASP A 138 -13.49 -0.38 -7.56
N GLY A 139 -13.91 0.08 -6.40
CA GLY A 139 -13.90 1.50 -6.14
C GLY A 139 -12.50 2.08 -6.07
N ILE A 140 -11.62 1.27 -5.47
CA ILE A 140 -10.23 1.64 -5.26
C ILE A 140 -9.30 0.73 -6.06
N ALA A 141 -8.22 1.30 -6.57
CA ALA A 141 -7.21 0.56 -7.31
C ALA A 141 -5.89 0.83 -6.59
N VAL A 142 -5.15 -0.23 -6.27
CA VAL A 142 -3.89 -0.06 -5.57
C VAL A 142 -2.72 -0.65 -6.34
N ILE A 143 -1.66 0.14 -6.49
CA ILE A 143 -0.39 -0.37 -6.98
C ILE A 143 0.50 -0.84 -5.84
N GLY A 144 0.60 -2.16 -5.68
CA GLY A 144 1.47 -2.75 -4.68
C GLY A 144 2.87 -3.02 -5.21
N ILE A 145 3.86 -2.44 -4.54
CA ILE A 145 5.26 -2.67 -4.91
C ILE A 145 6.08 -3.22 -3.75
N PHE A 146 6.74 -4.35 -3.97
CA PHE A 146 7.57 -4.95 -2.95
C PHE A 146 8.87 -4.19 -2.87
N LEU A 147 9.49 -4.19 -1.69
CA LEU A 147 10.77 -3.53 -1.49
C LEU A 147 11.77 -4.62 -1.11
N LYS A 148 12.85 -4.74 -1.89
CA LYS A 148 13.87 -5.73 -1.63
C LYS A 148 15.17 -5.02 -1.27
N ILE A 149 16.10 -5.74 -0.67
CA ILE A 149 17.34 -5.15 -0.20
C ILE A 149 18.37 -5.15 -1.31
N GLY A 150 18.99 -4.01 -1.50
CA GLY A 150 20.14 -3.90 -2.34
C GLY A 150 20.78 -2.56 -2.20
N HIS A 151 21.16 -2.01 -3.32
CA HIS A 151 21.72 -0.67 -3.34
C HIS A 151 20.74 0.46 -2.93
N GLU A 152 21.28 1.52 -2.36
CA GLU A 152 20.47 2.67 -2.00
C GLU A 152 19.61 3.23 -3.14
N ASN A 153 18.29 3.45 -2.87
CA ASN A 153 17.43 4.03 -3.89
C ASN A 153 17.40 5.55 -3.75
N GLY A 154 17.91 6.24 -4.76
CA GLY A 154 17.95 7.70 -4.71
C GLY A 154 16.60 8.37 -4.68
N GLU A 155 15.65 7.85 -5.45
CA GLU A 155 14.32 8.42 -5.50
C GLU A 155 13.59 8.18 -4.17
N PHE A 156 13.83 7.01 -3.58
CA PHE A 156 13.20 6.68 -2.30
C PHE A 156 13.80 7.53 -1.20
N GLN A 157 15.08 7.86 -1.33
CA GLN A 157 15.78 8.67 -0.32
C GLN A 157 15.11 10.02 -0.13
N ILE A 158 14.64 10.63 -1.21
CA ILE A 158 13.99 11.93 -1.13
C ILE A 158 12.79 11.82 -0.19
N PHE A 159 12.06 10.72 -0.29
CA PHE A 159 10.90 10.49 0.58
C PHE A 159 11.35 10.32 2.03
N LEU A 160 12.36 9.49 2.24
CA LEU A 160 12.88 9.24 3.57
C LEU A 160 13.40 10.52 4.23
N ASP A 161 13.94 11.45 3.44
CA ASP A 161 14.47 12.68 4.00
C ASP A 161 13.42 13.51 4.72
N ALA A 162 12.16 13.20 4.47
CA ALA A 162 11.06 13.91 5.08
C ALA A 162 10.56 13.30 6.37
N LEU A 163 11.01 12.09 6.67
CA LEU A 163 10.55 11.41 7.85
C LEU A 163 10.84 12.07 9.18
N ASP A 164 11.90 12.81 9.25
CA ASP A 164 12.23 13.52 10.45
C ASP A 164 11.17 14.49 10.94
N LYS A 165 10.32 14.91 10.01
CA LYS A 165 9.22 15.81 10.28
C LYS A 165 7.96 15.11 10.85
N ILE A 166 7.90 13.79 10.72
CA ILE A 166 6.77 12.98 11.15
C ILE A 166 7.12 11.73 12.02
N LYS A 167 8.04 11.96 12.94
CA LYS A 167 8.55 10.90 13.78
C LYS A 167 7.49 10.33 14.70
N THR A 168 6.58 11.19 15.11
CA THR A 168 5.54 10.78 16.04
C THR A 168 4.12 10.85 15.50
N LYS A 169 3.23 10.18 16.19
CA LYS A 169 1.85 10.06 15.76
C LYS A 169 1.12 11.41 15.88
N GLY A 170 0.41 11.78 14.84
CA GLY A 170 -0.25 13.05 14.79
C GLY A 170 0.49 14.15 14.06
N LYS A 171 1.76 13.90 13.74
CA LYS A 171 2.57 14.88 13.02
C LYS A 171 2.20 14.91 11.54
N GLU A 172 2.10 16.11 10.99
CA GLU A 172 1.81 16.29 9.57
C GLU A 172 2.50 17.53 9.01
N ALA A 173 3.23 17.34 7.92
CA ALA A 173 4.04 18.42 7.35
C ALA A 173 3.88 18.49 5.83
N PRO A 174 4.12 19.67 5.27
CA PRO A 174 4.03 19.86 3.83
C PRO A 174 5.01 18.96 3.08
N PHE A 175 4.54 18.37 2.00
CA PHE A 175 5.35 17.51 1.18
C PHE A 175 4.85 17.69 -0.23
N THR A 176 5.57 18.54 -0.96
CA THR A 176 5.23 18.95 -2.29
C THR A 176 6.25 18.55 -3.34
N LYS A 177 5.83 18.67 -4.58
CA LYS A 177 6.70 18.42 -5.69
C LYS A 177 7.38 17.05 -5.62
N PHE A 178 6.58 16.00 -5.65
CA PHE A 178 7.12 14.65 -5.58
C PHE A 178 6.22 13.73 -6.39
N ASP A 179 6.80 13.16 -7.43
CA ASP A 179 6.09 12.24 -8.30
C ASP A 179 6.44 10.81 -7.88
N PRO A 180 5.50 10.12 -7.24
CA PRO A 180 5.85 8.83 -6.66
C PRO A 180 6.09 7.77 -7.76
N SER A 181 5.79 8.08 -9.00
CA SER A 181 6.11 7.17 -10.08
C SER A 181 7.64 7.00 -10.19
N SER A 182 8.32 7.94 -9.60
CA SER A 182 9.74 7.93 -9.57
C SER A 182 10.24 6.68 -8.79
N LEU A 183 9.38 6.10 -7.99
CA LEU A 183 9.74 4.94 -7.19
C LEU A 183 9.56 3.57 -7.95
N PHE A 184 8.80 3.61 -9.04
CA PHE A 184 8.47 2.39 -9.77
C PHE A 184 9.69 1.71 -10.38
N PRO A 185 9.67 0.37 -10.37
CA PRO A 185 10.70 -0.38 -11.05
C PRO A 185 10.60 -0.29 -12.55
N ALA A 186 11.52 -0.96 -13.23
CA ALA A 186 11.59 -0.90 -14.68
C ALA A 186 10.39 -1.58 -15.34
N SER A 187 10.00 -2.74 -14.80
CA SER A 187 8.92 -3.52 -15.38
C SER A 187 7.56 -3.08 -14.86
N ARG A 188 6.57 -3.09 -15.74
CA ARG A 188 5.19 -2.82 -15.33
C ARG A 188 4.38 -4.10 -15.24
N ASP A 189 5.05 -5.24 -15.39
CA ASP A 189 4.42 -6.53 -15.20
C ASP A 189 3.74 -6.63 -13.84
N TYR A 190 2.52 -7.14 -13.83
CA TYR A 190 1.74 -7.21 -12.63
C TYR A 190 0.87 -8.47 -12.53
N TRP A 191 0.48 -8.75 -11.28
CA TRP A 191 -0.60 -9.64 -10.96
C TRP A 191 -1.88 -8.86 -10.51
N THR A 192 -3.03 -9.41 -10.76
CA THR A 192 -4.21 -8.73 -10.28
C THR A 192 -5.24 -9.67 -9.71
N TYR A 193 -5.94 -9.15 -8.71
CA TYR A 193 -7.05 -9.83 -8.07
C TYR A 193 -7.85 -8.78 -7.27
N GLN A 194 -9.03 -9.15 -6.80
CA GLN A 194 -9.87 -8.23 -6.06
C GLN A 194 -9.89 -8.57 -4.55
N GLY A 195 -9.67 -7.57 -3.73
CA GLY A 195 -9.64 -7.77 -2.29
C GLY A 195 -10.04 -6.53 -1.49
N SER A 196 -9.42 -6.33 -0.34
CA SER A 196 -9.79 -5.25 0.56
C SER A 196 -8.58 -4.41 0.96
N PHE A 197 -8.82 -3.34 1.70
CA PHE A 197 -7.80 -2.74 2.55
C PHE A 197 -7.26 -3.74 3.56
N THR A 198 -5.95 -3.70 3.80
CA THR A 198 -5.32 -4.53 4.81
C THR A 198 -5.37 -3.86 6.18
N THR A 199 -6.02 -2.71 6.25
CA THR A 199 -6.24 -2.03 7.49
C THR A 199 -7.72 -1.75 7.73
N PRO A 200 -8.10 -1.73 8.99
CA PRO A 200 -9.46 -1.38 9.30
C PRO A 200 -9.86 -0.04 8.67
N PRO A 201 -11.08 0.04 8.16
CA PRO A 201 -12.15 -0.93 8.35
C PRO A 201 -12.18 -2.12 7.40
N CYS A 202 -11.11 -2.29 6.65
CA CYS A 202 -10.95 -3.44 5.76
C CYS A 202 -12.05 -3.58 4.71
N GLU A 203 -12.46 -2.48 4.10
CA GLU A 203 -13.50 -2.51 3.07
C GLU A 203 -13.06 -3.34 1.85
N GLU A 204 -14.00 -4.12 1.33
CA GLU A 204 -13.71 -4.94 0.22
C GLU A 204 -13.95 -4.18 -1.09
N CYS A 205 -13.07 -3.22 -1.38
CA CYS A 205 -13.25 -2.31 -2.50
C CYS A 205 -12.05 -2.15 -3.46
N ILE A 206 -11.11 -3.09 -3.36
CA ILE A 206 -9.80 -2.93 -4.00
C ILE A 206 -9.47 -3.86 -5.17
N VAL A 207 -9.13 -3.26 -6.31
CA VAL A 207 -8.50 -3.99 -7.41
C VAL A 207 -6.98 -3.87 -7.34
N TRP A 208 -6.31 -5.01 -7.16
CA TRP A 208 -4.90 -5.02 -6.85
C TRP A 208 -4.05 -5.13 -8.12
N LEU A 209 -3.07 -4.24 -8.23
CA LEU A 209 -2.09 -4.30 -9.32
C LEU A 209 -0.76 -4.48 -8.58
N LEU A 210 -0.39 -5.71 -8.36
CA LEU A 210 0.82 -6.02 -7.66
C LEU A 210 1.95 -6.32 -8.63
N LEU A 211 3.01 -5.54 -8.50
CA LEU A 211 4.03 -5.57 -9.46
C LEU A 211 4.98 -6.76 -9.30
N LYS A 212 5.31 -7.35 -10.44
CA LYS A 212 6.20 -8.50 -10.46
C LYS A 212 7.58 -8.15 -9.92
N GLU A 213 8.11 -7.02 -10.39
CA GLU A 213 9.43 -6.58 -9.98
C GLU A 213 9.42 -5.67 -8.76
N PRO A 214 10.22 -6.03 -7.76
CA PRO A 214 10.39 -5.19 -6.57
C PRO A 214 11.28 -3.97 -6.85
N MET A 215 10.95 -2.84 -6.24
CA MET A 215 11.90 -1.75 -6.10
C MET A 215 13.00 -2.10 -5.11
N THR A 216 14.21 -1.68 -5.37
CA THR A 216 15.30 -1.99 -4.48
C THR A 216 15.64 -0.77 -3.61
N VAL A 217 15.75 -0.97 -2.32
CA VAL A 217 16.31 0.00 -1.38
C VAL A 217 17.40 -0.63 -0.52
N SER A 218 18.14 0.22 0.20
CA SER A 218 19.22 -0.26 1.05
C SER A 218 18.69 -0.69 2.42
N SER A 219 19.42 -1.61 3.06
CA SER A 219 19.11 -2.00 4.43
C SER A 219 19.06 -0.79 5.32
N ASP A 220 20.02 0.10 5.11
CA ASP A 220 20.04 1.34 5.83
C ASP A 220 18.73 2.18 5.66
N GLN A 221 18.22 2.25 4.47
CA GLN A 221 16.94 2.93 4.24
C GLN A 221 15.79 2.25 4.99
N MET A 222 15.80 0.92 5.00
CA MET A 222 14.76 0.15 5.68
C MET A 222 14.81 0.41 7.18
N ALA A 223 15.99 0.71 7.69
CA ALA A 223 16.16 1.06 9.09
C ALA A 223 15.52 2.37 9.42
N LYS A 224 15.61 3.28 8.48
CA LYS A 224 15.05 4.57 8.68
C LYS A 224 13.53 4.48 8.67
N LEU A 225 13.04 3.73 7.70
CA LEU A 225 11.63 3.52 7.60
C LEU A 225 11.05 2.95 8.90
N ARG A 226 11.78 2.05 9.53
CA ARG A 226 11.31 1.38 10.74
C ARG A 226 11.85 2.07 11.98
N SER A 227 12.01 3.39 11.90
CA SER A 227 12.44 4.16 13.02
C SER A 227 11.40 5.12 13.57
N LEU A 228 10.22 5.11 12.96
CA LEU A 228 9.10 5.86 13.40
C LEU A 228 8.52 5.36 14.73
N LEU A 229 7.85 6.25 15.46
CA LEU A 229 7.09 5.94 16.65
C LEU A 229 5.55 6.04 16.42
N SER A 230 4.84 5.23 17.16
CA SER A 230 3.40 5.25 17.17
C SER A 230 2.84 6.12 18.32
N SER A 231 3.74 6.66 19.09
CA SER A 231 3.37 7.55 20.19
C SER A 231 3.50 9.00 19.74
N ALA A 232 2.83 9.91 20.45
CA ALA A 232 2.90 11.33 20.13
C ALA A 232 4.12 11.99 20.78
N GLU A 233 4.48 13.11 20.14
CA GLU A 233 5.43 14.14 20.65
C GLU A 233 5.06 14.23 22.11
N ASN A 234 6.04 14.02 22.97
CA ASN A 234 5.78 13.63 24.36
C ASN A 234 4.61 12.66 24.48
N GLU A 235 4.90 11.38 24.29
CA GLU A 235 4.58 10.36 25.28
C GLU A 235 5.72 9.35 25.42
N PRO A 236 5.59 8.45 26.38
CA PRO A 236 6.40 7.23 26.40
C PRO A 236 6.67 6.70 25.00
N PRO A 237 7.87 6.95 24.48
CA PRO A 237 8.23 6.52 23.13
C PRO A 237 7.85 5.06 22.89
N VAL A 238 7.05 4.82 21.85
CA VAL A 238 6.72 3.46 21.43
C VAL A 238 7.05 3.26 19.95
N PRO A 239 7.98 2.36 19.68
CA PRO A 239 8.42 2.10 18.30
C PRO A 239 7.29 1.56 17.44
N LEU A 240 7.20 2.03 16.20
CA LEU A 240 6.30 1.45 15.21
C LEU A 240 7.05 0.49 14.29
N VAL A 241 7.38 -0.68 14.80
CA VAL A 241 8.35 -1.56 14.14
C VAL A 241 7.74 -2.53 13.17
N SER A 242 6.43 -2.69 13.22
CA SER A 242 5.74 -3.52 12.26
C SER A 242 4.31 -3.12 12.02
N ASN A 243 3.88 -3.22 10.78
CA ASN A 243 2.50 -2.87 10.45
C ASN A 243 1.97 -3.65 9.25
N TRP A 244 2.29 -4.94 9.22
CA TRP A 244 1.84 -5.81 8.15
C TRP A 244 0.78 -6.77 8.68
N ARG A 245 -0.22 -7.03 7.85
CA ARG A 245 -1.32 -7.93 8.22
C ARG A 245 -1.06 -9.31 7.64
N PRO A 246 -1.35 -10.35 8.42
CA PRO A 246 -1.16 -11.73 7.97
C PRO A 246 -2.12 -12.10 6.85
N PRO A 247 -1.78 -13.12 6.07
CA PRO A 247 -2.52 -13.45 4.85
C PRO A 247 -3.93 -13.94 5.14
N GLN A 248 -4.88 -13.56 4.29
CA GLN A 248 -6.27 -13.94 4.49
C GLN A 248 -6.72 -14.97 3.46
N PRO A 249 -7.85 -15.62 3.73
CA PRO A 249 -8.32 -16.74 2.90
C PRO A 249 -8.61 -16.28 1.47
N ILE A 250 -8.10 -17.03 0.50
CA ILE A 250 -8.29 -16.70 -0.88
C ILE A 250 -9.73 -17.04 -1.30
N ASN A 251 -10.30 -17.99 -0.59
CA ASN A 251 -11.55 -18.55 -0.98
C ASN A 251 -11.49 -19.02 -2.45
N ASN A 252 -12.44 -18.64 -3.22
CA ASN A 252 -12.47 -19.06 -4.62
C ASN A 252 -11.93 -18.01 -5.58
N ARG A 253 -11.25 -17.00 -5.06
CA ARG A 253 -10.71 -16.02 -5.94
C ARG A 253 -9.51 -16.56 -6.77
N VAL A 254 -9.30 -15.91 -7.89
CA VAL A 254 -8.21 -16.29 -8.74
C VAL A 254 -7.30 -15.10 -9.07
N VAL A 255 -6.01 -15.24 -8.86
CA VAL A 255 -5.07 -14.22 -9.23
C VAL A 255 -4.63 -14.42 -10.68
N ARG A 256 -4.58 -13.33 -11.44
CA ARG A 256 -4.12 -13.37 -12.82
C ARG A 256 -2.81 -12.64 -13.08
N ALA A 257 -2.01 -13.19 -14.01
CA ALA A 257 -0.75 -12.54 -14.36
C ALA A 257 -0.88 -11.83 -15.71
N SER A 258 -0.30 -10.64 -15.80
CA SER A 258 -0.33 -9.86 -17.03
C SER A 258 0.82 -10.26 -17.94
N PHE A 259 1.74 -11.06 -17.40
CA PHE A 259 2.93 -11.46 -18.12
C PHE A 259 3.09 -12.96 -18.27
N LYS A 260 3.78 -13.36 -19.34
CA LYS A 260 4.03 -14.77 -19.61
C LYS A 260 5.13 -15.27 -18.69
ZN ZN B . -1.51 -0.65 2.55
#